data_2XRQ
#
_entry.id   2XRQ
#
_cell.length_a   112.009
_cell.length_b   96.099
_cell.length_c   66.289
_cell.angle_alpha   90.00
_cell.angle_beta   97.22
_cell.angle_gamma   90.00
#
_symmetry.space_group_name_H-M   'C 1 2 1'
#
loop_
_entity.id
_entity.type
_entity.pdbx_description
1 polymer 'HEAT-LABILE ENTEROTOXIN B CHAIN'
2 branched 'beta-D-galactopyranose-(1-3)-2-acetamido-2-deoxy-beta-D-galactopyranose-(1-4)-[N-acetyl-alpha-neuraminic acid-(2-3)]beta-D-galactopyranose-(1-4)-beta-D-glucopyranose'
3 water water
#
_entity_poly.entity_id   1
_entity_poly.type   'polypeptide(L)'
_entity_poly.pdbx_seq_one_letter_code
;APQTITELCSEYRNTQIYTINDKILSYTESMAGKREMVIITFKSGETFQVEVPGSQHIDSQKKAIERMKDTLRITYLTET
KIDKLCVWNNKTPNSIAAISMKN
;
_entity_poly.pdbx_strand_id   D,E,F,G,H
#
loop_
_chem_comp.id
_chem_comp.type
_chem_comp.name
_chem_comp.formula
BGC D-saccharide, beta linking beta-D-glucopyranose 'C6 H12 O6'
GAL D-saccharide, beta linking beta-D-galactopyranose 'C6 H12 O6'
NGA D-saccharide, beta linking 2-acetamido-2-deoxy-beta-D-galactopyranose 'C8 H15 N O6'
SIA D-saccharide, alpha linking 'N-acetyl-alpha-neuraminic acid' 'C11 H19 N O9'
#
# COMPACT_ATOMS: atom_id res chain seq x y z
N ALA A 1 -18.61 4.84 -20.90
CA ALA A 1 -17.74 5.54 -19.91
C ALA A 1 -16.90 6.62 -20.60
N PRO A 2 -16.60 7.74 -19.92
CA PRO A 2 -15.75 8.76 -20.49
C PRO A 2 -14.34 8.23 -20.82
N GLN A 3 -13.68 8.86 -21.81
CA GLN A 3 -12.36 8.41 -22.26
C GLN A 3 -11.20 9.31 -21.83
N THR A 4 -11.51 10.49 -21.29
CA THR A 4 -10.49 11.40 -20.80
C THR A 4 -11.02 12.07 -19.56
N ILE A 5 -10.13 12.68 -18.78
CA ILE A 5 -10.52 13.47 -17.62
C ILE A 5 -11.51 14.60 -17.97
N THR A 6 -11.24 15.30 -19.06
CA THR A 6 -12.06 16.42 -19.47
C THR A 6 -13.49 15.96 -19.72
N GLU A 7 -13.63 14.84 -20.44
CA GLU A 7 -14.93 14.25 -20.76
C GLU A 7 -15.68 13.84 -19.48
N LEU A 8 -14.97 13.23 -18.55
CA LEU A 8 -15.53 12.81 -17.27
C LEU A 8 -16.01 14.01 -16.48
N CYS A 9 -15.14 15.01 -16.35
CA CYS A 9 -15.43 16.24 -15.66
C CYS A 9 -16.70 16.95 -16.17
N SER A 10 -16.98 16.82 -17.47
CA SER A 10 -18.17 17.43 -18.09
C SER A 10 -19.48 16.74 -17.69
N GLU A 11 -19.39 15.54 -17.11
CA GLU A 11 -20.57 14.78 -16.71
C GLU A 11 -21.11 15.25 -15.36
N TYR A 12 -20.49 16.29 -14.81
CA TYR A 12 -20.89 16.84 -13.51
C TYR A 12 -21.17 18.33 -13.56
N ARG A 13 -21.88 18.83 -12.55
CA ARG A 13 -22.11 20.27 -12.38
C ARG A 13 -21.11 20.84 -11.38
N ASN A 14 -20.85 22.15 -11.49
CA ASN A 14 -19.91 22.86 -10.62
C ASN A 14 -18.48 22.29 -10.69
N THR A 15 -18.07 21.84 -11.87
CA THR A 15 -16.72 21.34 -12.08
C THR A 15 -15.98 22.09 -13.18
N GLN A 16 -14.66 22.15 -13.05
CA GLN A 16 -13.82 22.71 -14.09
C GLN A 16 -12.46 22.03 -14.11
N ILE A 17 -11.84 22.03 -15.28
CA ILE A 17 -10.51 21.46 -15.48
C ILE A 17 -9.46 22.53 -15.21
N TYR A 18 -8.57 22.25 -14.28
CA TYR A 18 -7.37 23.06 -14.10
C TYR A 18 -6.22 22.33 -14.77
N THR A 19 -5.62 22.99 -15.77
CA THR A 19 -4.41 22.45 -16.39
C THR A 19 -3.22 22.89 -15.54
N ILE A 20 -2.65 21.93 -14.83
CA ILE A 20 -1.60 22.18 -13.85
C ILE A 20 -0.22 22.05 -14.48
N ASN A 21 0.04 20.91 -15.14
CA ASN A 21 1.31 20.63 -15.82
C ASN A 21 2.52 20.89 -14.92
N ASP A 22 2.47 20.34 -13.70
CA ASP A 22 3.49 20.60 -12.67
C ASP A 22 3.42 19.54 -11.57
N LYS A 23 4.53 19.34 -10.87
CA LYS A 23 4.56 18.52 -9.66
C LYS A 23 3.91 19.26 -8.48
N ILE A 24 3.56 18.54 -7.42
CA ILE A 24 2.92 19.13 -6.24
C ILE A 24 3.95 19.87 -5.43
N LEU A 25 3.66 21.12 -5.07
CA LEU A 25 4.55 21.88 -4.22
C LEU A 25 4.49 21.40 -2.76
N SER A 26 3.29 21.32 -2.18
CA SER A 26 3.19 20.94 -0.77
C SER A 26 2.06 19.94 -0.56
N TYR A 27 2.30 19.02 0.37
CA TYR A 27 1.33 17.99 0.74
C TYR A 27 1.01 18.16 2.22
N THR A 28 -0.28 18.28 2.54
CA THR A 28 -0.73 18.39 3.91
C THR A 28 -1.77 17.32 4.22
N GLU A 29 -1.58 16.59 5.30
CA GLU A 29 -2.47 15.48 5.66
C GLU A 29 -2.91 15.61 7.12
N SER A 30 -4.21 15.47 7.36
CA SER A 30 -4.75 15.61 8.72
C SER A 30 -5.55 14.40 9.18
N MET A 31 -5.29 13.96 10.39
CA MET A 31 -6.11 12.93 11.02
C MET A 31 -6.90 13.50 12.18
N ALA A 32 -7.01 14.84 12.23
CA ALA A 32 -7.79 15.46 13.29
C ALA A 32 -9.28 15.28 13.01
N GLY A 33 -10.03 14.97 14.06
CA GLY A 33 -11.45 14.69 13.96
C GLY A 33 -12.25 15.78 13.25
N LYS A 34 -13.04 15.36 12.27
CA LYS A 34 -13.84 16.22 11.39
C LYS A 34 -13.00 16.98 10.37
N ARG A 35 -11.67 16.79 10.41
CA ARG A 35 -10.77 17.36 9.40
C ARG A 35 -9.84 16.31 8.80
N GLU A 36 -10.41 15.12 8.53
CA GLU A 36 -9.69 13.99 7.94
C GLU A 36 -9.61 14.24 6.46
N MET A 37 -8.53 14.91 6.06
CA MET A 37 -8.47 15.45 4.72
C MET A 37 -7.04 15.62 4.26
N VAL A 38 -6.87 15.75 2.95
CA VAL A 38 -5.58 16.11 2.37
C VAL A 38 -5.69 17.44 1.64
N ILE A 39 -4.65 18.27 1.77
CA ILE A 39 -4.56 19.54 1.06
C ILE A 39 -3.27 19.56 0.23
N ILE A 40 -3.38 19.90 -1.05
CA ILE A 40 -2.20 20.07 -1.92
C ILE A 40 -2.15 21.49 -2.46
N THR A 41 -0.95 22.07 -2.53
CA THR A 41 -0.77 23.35 -3.17
C THR A 41 0.22 23.21 -4.32
N PHE A 42 0.18 24.19 -5.22
CA PHE A 42 1.15 24.28 -6.32
C PHE A 42 1.91 25.59 -6.32
N LYS A 43 2.98 25.63 -7.14
CA LYS A 43 3.83 26.80 -7.32
C LYS A 43 3.00 27.99 -7.80
N SER A 44 1.95 27.68 -8.57
CA SER A 44 1.00 28.66 -9.08
C SER A 44 0.22 29.37 -7.99
N GLY A 45 0.30 28.86 -6.76
CA GLY A 45 -0.46 29.42 -5.64
C GLY A 45 -1.79 28.70 -5.37
N GLU A 46 -2.21 27.85 -6.31
CA GLU A 46 -3.51 27.20 -6.22
C GLU A 46 -3.52 26.05 -5.26
N THR A 47 -4.54 26.05 -4.42
CA THR A 47 -4.70 25.07 -3.35
C THR A 47 -5.91 24.16 -3.65
N PHE A 48 -5.81 22.88 -3.32
CA PHE A 48 -6.89 21.94 -3.54
C PHE A 48 -7.03 20.94 -2.42
N GLN A 49 -8.26 20.50 -2.18
CA GLN A 49 -8.51 19.54 -1.13
C GLN A 49 -9.11 18.23 -1.65
N VAL A 50 -8.94 17.19 -0.86
CA VAL A 50 -9.83 16.03 -0.90
C VAL A 50 -10.69 16.23 0.34
N GLU A 51 -11.99 16.35 0.13
CA GLU A 51 -12.91 16.64 1.21
C GLU A 51 -12.96 15.54 2.27
N VAL A 52 -13.27 15.97 3.48
CA VAL A 52 -13.67 15.07 4.54
C VAL A 52 -14.83 14.22 4.00
N PRO A 53 -14.81 12.90 4.20
CA PRO A 53 -16.00 12.11 3.82
C PRO A 53 -17.23 12.62 4.58
N GLY A 54 -18.36 12.74 3.87
CA GLY A 54 -19.60 13.20 4.47
C GLY A 54 -20.83 12.79 3.68
N SER A 55 -21.97 13.36 4.03
CA SER A 55 -23.23 13.01 3.37
C SER A 55 -23.31 13.34 1.86
N GLN A 56 -22.40 14.17 1.36
CA GLN A 56 -22.34 14.49 -0.07
C GLN A 56 -21.70 13.33 -0.87
N HIS A 57 -21.25 12.29 -0.16
CA HIS A 57 -20.60 11.15 -0.77
C HIS A 57 -21.50 9.92 -0.75
N ILE A 58 -21.49 9.16 -1.84
CA ILE A 58 -22.20 7.90 -1.88
C ILE A 58 -21.25 6.77 -1.50
N ASP A 59 -21.77 5.58 -1.23
CA ASP A 59 -20.96 4.49 -0.69
C ASP A 59 -19.80 4.12 -1.59
N SER A 60 -20.05 4.15 -2.90
CA SER A 60 -19.05 3.79 -3.89
C SER A 60 -17.85 4.73 -3.86
N GLN A 61 -18.02 5.90 -3.27
CA GLN A 61 -16.94 6.88 -3.22
C GLN A 61 -15.97 6.68 -2.04
N LYS A 62 -16.36 5.92 -1.01
CA LYS A 62 -15.51 5.80 0.19
C LYS A 62 -14.10 5.26 -0.16
N LYS A 63 -14.08 4.14 -0.86
CA LYS A 63 -12.80 3.59 -1.28
C LYS A 63 -12.06 4.48 -2.25
N ALA A 64 -12.78 5.19 -3.12
CA ALA A 64 -12.15 6.10 -4.07
C ALA A 64 -11.56 7.36 -3.40
N ILE A 65 -12.21 7.86 -2.36
CA ILE A 65 -11.64 8.96 -1.63
C ILE A 65 -10.28 8.53 -1.03
N GLU A 66 -10.23 7.34 -0.45
CA GLU A 66 -9.00 6.85 0.15
C GLU A 66 -7.95 6.64 -0.95
N ARG A 67 -8.37 6.11 -2.10
CA ARG A 67 -7.46 5.98 -3.23
C ARG A 67 -6.86 7.34 -3.65
N MET A 68 -7.69 8.37 -3.75
CA MET A 68 -7.20 9.67 -4.20
C MET A 68 -6.14 10.22 -3.24
N LYS A 69 -6.38 10.07 -1.95
CA LYS A 69 -5.38 10.49 -0.95
C LYS A 69 -4.08 9.68 -1.10
N ASP A 70 -4.18 8.38 -1.39
CA ASP A 70 -3.00 7.55 -1.63
C ASP A 70 -2.21 8.05 -2.82
N THR A 71 -2.92 8.38 -3.89
CA THR A 71 -2.34 8.85 -5.12
C THR A 71 -1.67 10.20 -4.90
N LEU A 72 -2.29 11.10 -4.14
CA LEU A 72 -1.69 12.41 -3.95
C LEU A 72 -0.36 12.32 -3.23
N ARG A 73 -0.31 11.47 -2.20
CA ARG A 73 0.93 11.26 -1.43
C ARG A 73 2.03 10.66 -2.30
N ILE A 74 1.77 9.58 -3.02
CA ILE A 74 2.83 8.99 -3.81
C ILE A 74 3.22 9.92 -4.99
N THR A 75 2.25 10.67 -5.53
CA THR A 75 2.54 11.65 -6.57
C THR A 75 3.48 12.71 -6.02
N TYR A 76 3.11 13.28 -4.87
CA TYR A 76 3.97 14.23 -4.21
C TYR A 76 5.40 13.71 -4.09
N LEU A 77 5.53 12.54 -3.45
CA LEU A 77 6.81 11.97 -3.07
C LEU A 77 7.71 11.60 -4.24
N THR A 78 7.10 11.23 -5.37
CA THR A 78 7.88 10.92 -6.57
C THR A 78 8.14 12.12 -7.48
N GLU A 79 7.61 13.27 -7.07
CA GLU A 79 7.71 14.51 -7.86
C GLU A 79 7.13 14.29 -9.25
N THR A 80 6.01 13.57 -9.31
CA THR A 80 5.38 13.29 -10.59
C THR A 80 4.57 14.51 -11.00
N LYS A 81 4.73 14.91 -12.26
CA LYS A 81 3.95 16.01 -12.83
C LYS A 81 2.51 15.57 -12.96
N ILE A 82 1.62 16.34 -12.35
CA ILE A 82 0.19 16.25 -12.59
C ILE A 82 -0.14 17.03 -13.87
N ASP A 83 -1.01 16.48 -14.70
CA ASP A 83 -1.41 17.16 -15.91
C ASP A 83 -2.64 18.01 -15.63
N LYS A 84 -3.75 17.36 -15.31
CA LYS A 84 -4.99 18.08 -15.06
C LYS A 84 -5.68 17.64 -13.79
N LEU A 85 -6.44 18.54 -13.18
CA LEU A 85 -7.34 18.18 -12.09
C LEU A 85 -8.75 18.57 -12.50
N CYS A 86 -9.68 17.65 -12.30
CA CYS A 86 -11.10 17.99 -12.34
C CYS A 86 -11.51 18.28 -10.91
N VAL A 87 -11.99 19.50 -10.65
CA VAL A 87 -12.33 19.92 -9.30
C VAL A 87 -13.75 20.50 -9.22
N TRP A 88 -14.36 20.37 -8.05
CA TRP A 88 -15.61 21.03 -7.75
C TRP A 88 -15.26 22.41 -7.25
N ASN A 89 -15.96 23.42 -7.79
CA ASN A 89 -15.67 24.82 -7.46
C ASN A 89 -16.68 25.46 -6.51
N ASN A 90 -17.56 24.65 -5.94
CA ASN A 90 -18.47 25.11 -4.89
C ASN A 90 -17.97 24.76 -3.48
N LYS A 91 -16.66 24.47 -3.38
CA LYS A 91 -15.99 24.23 -2.10
C LYS A 91 -14.72 25.10 -2.00
N THR A 92 -14.32 25.44 -0.78
CA THR A 92 -13.08 26.20 -0.56
C THR A 92 -12.17 25.47 0.43
N PRO A 93 -10.96 25.08 -0.02
CA PRO A 93 -10.48 25.24 -1.40
C PRO A 93 -11.22 24.30 -2.35
N ASN A 94 -11.08 24.52 -3.65
CA ASN A 94 -11.66 23.62 -4.64
C ASN A 94 -11.35 22.15 -4.33
N SER A 95 -12.33 21.29 -4.60
CA SER A 95 -12.31 19.89 -4.17
C SER A 95 -12.04 18.94 -5.33
N ILE A 96 -11.08 18.04 -5.17
CA ILE A 96 -10.60 17.16 -6.25
C ILE A 96 -11.60 16.06 -6.56
N ALA A 97 -12.02 15.98 -7.83
CA ALA A 97 -12.89 14.93 -8.36
C ALA A 97 -12.13 13.89 -9.17
N ALA A 98 -11.11 14.32 -9.90
CA ALA A 98 -10.33 13.44 -10.74
C ALA A 98 -8.95 14.05 -10.97
N ILE A 99 -7.98 13.22 -11.33
CA ILE A 99 -6.62 13.66 -11.57
C ILE A 99 -6.08 12.97 -12.82
N SER A 100 -5.22 13.65 -13.56
CA SER A 100 -4.53 12.97 -14.66
C SER A 100 -3.04 13.29 -14.66
N MET A 101 -2.25 12.36 -15.19
CA MET A 101 -0.79 12.53 -15.29
C MET A 101 -0.33 12.06 -16.65
N LYS A 102 0.50 12.84 -17.33
CA LYS A 102 1.05 12.36 -18.60
C LYS A 102 2.57 12.24 -18.56
N ASN A 103 3.10 11.29 -19.33
CA ASN A 103 4.50 10.89 -19.30
C ASN A 103 4.96 10.70 -20.73
N ALA B 1 -5.80 -24.07 -13.99
CA ALA B 1 -5.68 -22.61 -14.17
C ALA B 1 -4.82 -22.28 -15.39
N PRO B 2 -5.12 -21.15 -16.07
CA PRO B 2 -4.34 -20.75 -17.24
C PRO B 2 -2.88 -20.44 -16.87
N GLN B 3 -1.97 -20.54 -17.85
CA GLN B 3 -0.55 -20.33 -17.60
C GLN B 3 0.02 -19.02 -18.15
N THR B 4 -0.76 -18.36 -19.02
CA THR B 4 -0.37 -17.09 -19.62
C THR B 4 -1.60 -16.19 -19.71
N ILE B 5 -1.37 -14.90 -19.90
CA ILE B 5 -2.46 -13.94 -20.08
C ILE B 5 -3.33 -14.32 -21.27
N THR B 6 -2.71 -14.73 -22.37
CA THR B 6 -3.41 -15.09 -23.58
C THR B 6 -4.36 -16.26 -23.34
N GLU B 7 -3.89 -17.26 -22.61
CA GLU B 7 -4.68 -18.43 -22.29
C GLU B 7 -5.87 -18.05 -21.42
N LEU B 8 -5.61 -17.18 -20.45
CA LEU B 8 -6.65 -16.70 -19.55
C LEU B 8 -7.73 -15.94 -20.32
N CYS B 9 -7.26 -15.07 -21.21
CA CYS B 9 -8.13 -14.22 -22.01
C CYS B 9 -9.08 -15.01 -22.89
N SER B 10 -8.63 -16.18 -23.32
CA SER B 10 -9.42 -17.08 -24.17
C SER B 10 -10.54 -17.78 -23.44
N GLU B 11 -10.51 -17.74 -22.11
CA GLU B 11 -11.54 -18.38 -21.27
C GLU B 11 -12.82 -17.54 -21.17
N TYR B 12 -12.82 -16.40 -21.85
CA TYR B 12 -13.93 -15.44 -21.79
C TYR B 12 -14.45 -15.09 -23.19
N ARG B 13 -15.64 -14.49 -23.22
CA ARG B 13 -16.23 -13.96 -24.44
C ARG B 13 -16.05 -12.44 -24.49
N ASN B 14 -16.03 -11.88 -25.69
CA ASN B 14 -15.84 -10.44 -25.91
C ASN B 14 -14.51 -9.90 -25.39
N THR B 15 -13.47 -10.73 -25.42
CA THR B 15 -12.13 -10.30 -25.05
C THR B 15 -11.12 -10.44 -26.18
N GLN B 16 -10.07 -9.62 -26.12
CA GLN B 16 -8.96 -9.68 -27.02
C GLN B 16 -7.67 -9.22 -26.37
N ILE B 17 -6.56 -9.76 -26.86
CA ILE B 17 -5.25 -9.37 -26.38
C ILE B 17 -4.73 -8.19 -27.20
N TYR B 18 -4.42 -7.10 -26.50
CA TYR B 18 -3.66 -6.02 -27.11
C TYR B 18 -2.22 -6.16 -26.70
N THR B 19 -1.35 -6.32 -27.68
CA THR B 19 0.08 -6.32 -27.43
C THR B 19 0.54 -4.86 -27.41
N ILE B 20 0.84 -4.37 -26.22
CA ILE B 20 1.19 -2.97 -26.00
C ILE B 20 2.69 -2.70 -26.12
N ASN B 21 3.48 -3.45 -25.34
CA ASN B 21 4.94 -3.37 -25.36
C ASN B 21 5.43 -1.93 -25.17
N ASP B 22 4.86 -1.24 -24.19
CA ASP B 22 5.14 0.17 -23.94
C ASP B 22 4.72 0.54 -22.50
N LYS B 23 5.33 1.63 -21.99
CA LYS B 23 4.90 2.20 -20.71
C LYS B 23 3.64 3.01 -20.93
N ILE B 24 2.93 3.31 -19.84
CA ILE B 24 1.67 4.05 -19.87
C ILE B 24 1.95 5.51 -20.15
N LEU B 25 1.24 6.09 -21.11
CA LEU B 25 1.42 7.51 -21.43
C LEU B 25 0.70 8.40 -20.42
N SER B 26 -0.57 8.09 -20.12
CA SER B 26 -1.34 8.90 -19.18
C SER B 26 -2.14 8.06 -18.20
N TYR B 27 -2.22 8.55 -16.97
CA TYR B 27 -2.99 7.94 -15.91
C TYR B 27 -4.07 8.91 -15.46
N THR B 28 -5.31 8.45 -15.47
CA THR B 28 -6.44 9.27 -15.01
C THR B 28 -7.22 8.53 -13.93
N GLU B 29 -7.47 9.20 -12.81
CA GLU B 29 -8.19 8.57 -11.70
C GLU B 29 -9.30 9.49 -11.23
N SER B 30 -10.50 8.93 -11.08
CA SER B 30 -11.67 9.67 -10.62
C SER B 30 -12.31 9.09 -9.36
N MET B 31 -12.63 9.96 -8.41
CA MET B 31 -13.43 9.61 -7.24
C MET B 31 -14.80 10.26 -7.29
N ALA B 32 -15.21 10.71 -8.47
CA ALA B 32 -16.53 11.32 -8.61
C ALA B 32 -17.63 10.23 -8.60
N GLY B 33 -18.74 10.53 -7.95
CA GLY B 33 -19.76 9.53 -7.71
C GLY B 33 -20.28 8.94 -9.00
N LYS B 34 -20.29 7.61 -9.06
CA LYS B 34 -20.69 6.85 -10.27
C LYS B 34 -19.63 6.79 -11.37
N ARG B 35 -18.51 7.47 -11.16
CA ARG B 35 -17.37 7.44 -12.07
C ARG B 35 -16.08 7.14 -11.31
N GLU B 36 -16.18 6.22 -10.35
CA GLU B 36 -15.02 5.75 -9.59
C GLU B 36 -14.25 4.77 -10.45
N MET B 37 -13.30 5.30 -11.19
CA MET B 37 -12.67 4.53 -12.26
C MET B 37 -11.28 5.05 -12.56
N VAL B 38 -10.49 4.24 -13.26
CA VAL B 38 -9.20 4.65 -13.76
C VAL B 38 -9.18 4.53 -15.28
N ILE B 39 -8.58 5.52 -15.93
CA ILE B 39 -8.40 5.50 -17.38
C ILE B 39 -6.92 5.61 -17.71
N ILE B 40 -6.42 4.73 -18.56
CA ILE B 40 -5.02 4.82 -19.04
C ILE B 40 -4.99 4.96 -20.54
N THR B 41 -4.07 5.78 -21.04
CA THR B 41 -3.85 5.88 -22.48
C THR B 41 -2.40 5.56 -22.84
N PHE B 42 -2.18 5.20 -24.10
CA PHE B 42 -0.83 4.97 -24.62
C PHE B 42 -0.47 5.89 -25.78
N LYS B 43 0.82 5.87 -26.14
CA LYS B 43 1.39 6.64 -27.23
C LYS B 43 0.69 6.27 -28.54
N SER B 44 0.30 5.01 -28.63
CA SER B 44 -0.45 4.46 -29.76
C SER B 44 -1.80 5.15 -29.95
N GLY B 45 -2.27 5.90 -28.95
CA GLY B 45 -3.58 6.54 -29.00
C GLY B 45 -4.67 5.73 -28.30
N GLU B 46 -4.40 4.46 -28.04
CA GLU B 46 -5.38 3.56 -27.42
C GLU B 46 -5.63 3.87 -25.96
N THR B 47 -6.92 3.88 -25.59
CA THR B 47 -7.40 4.25 -24.27
C THR B 47 -8.06 3.02 -23.64
N PHE B 48 -7.85 2.84 -22.34
CA PHE B 48 -8.44 1.71 -21.60
C PHE B 48 -8.95 2.10 -20.21
N GLN B 49 -10.00 1.43 -19.77
CA GLN B 49 -10.55 1.68 -18.44
C GLN B 49 -10.51 0.48 -17.53
N VAL B 50 -10.55 0.76 -16.22
CA VAL B 50 -11.00 -0.19 -15.23
C VAL B 50 -12.40 0.32 -14.87
N GLU B 51 -13.39 -0.50 -15.15
CA GLU B 51 -14.77 -0.08 -15.00
C GLU B 51 -15.16 0.23 -13.57
N VAL B 52 -16.13 1.13 -13.43
CA VAL B 52 -16.82 1.36 -12.19
C VAL B 52 -17.39 0.00 -11.69
N PRO B 53 -17.15 -0.34 -10.41
CA PRO B 53 -17.78 -1.56 -9.86
C PRO B 53 -19.27 -1.50 -10.04
N GLY B 54 -19.89 -2.59 -10.49
CA GLY B 54 -21.33 -2.65 -10.74
C GLY B 54 -21.85 -4.07 -10.79
N SER B 55 -23.11 -4.25 -11.21
CA SER B 55 -23.73 -5.57 -11.20
C SER B 55 -23.12 -6.62 -12.15
N GLN B 56 -22.28 -6.16 -13.08
CA GLN B 56 -21.55 -7.04 -13.96
C GLN B 56 -20.34 -7.70 -13.26
N HIS B 57 -20.12 -7.34 -12.00
CA HIS B 57 -19.03 -7.90 -11.22
C HIS B 57 -19.56 -8.84 -10.14
N ILE B 58 -18.84 -9.93 -9.93
CA ILE B 58 -19.12 -10.82 -8.81
C ILE B 58 -18.23 -10.42 -7.60
N ASP B 59 -18.57 -10.92 -6.41
CA ASP B 59 -17.92 -10.52 -5.15
C ASP B 59 -16.41 -10.65 -5.20
N SER B 60 -15.95 -11.75 -5.76
CA SER B 60 -14.52 -12.06 -5.83
C SER B 60 -13.74 -11.02 -6.63
N GLN B 61 -14.46 -10.20 -7.41
CA GLN B 61 -13.81 -9.22 -8.26
C GLN B 61 -13.59 -7.87 -7.58
N LYS B 62 -14.25 -7.62 -6.45
CA LYS B 62 -14.16 -6.33 -5.80
C LYS B 62 -12.74 -5.99 -5.36
N LYS B 63 -12.07 -6.93 -4.69
CA LYS B 63 -10.69 -6.68 -4.29
C LYS B 63 -9.78 -6.65 -5.51
N ALA B 64 -10.08 -7.49 -6.51
CA ALA B 64 -9.25 -7.54 -7.73
C ALA B 64 -9.35 -6.25 -8.57
N ILE B 65 -10.52 -5.60 -8.52
CA ILE B 65 -10.71 -4.33 -9.19
C ILE B 65 -9.82 -3.28 -8.54
N GLU B 66 -9.81 -3.26 -7.22
CA GLU B 66 -8.95 -2.37 -6.48
C GLU B 66 -7.47 -2.67 -6.73
N ARG B 67 -7.11 -3.95 -6.81
CA ARG B 67 -5.73 -4.34 -7.09
C ARG B 67 -5.28 -3.83 -8.47
N MET B 68 -6.12 -4.00 -9.49
CA MET B 68 -5.80 -3.56 -10.84
C MET B 68 -5.54 -2.06 -10.87
N LYS B 69 -6.36 -1.29 -10.16
CA LYS B 69 -6.13 0.15 -10.12
C LYS B 69 -4.81 0.45 -9.42
N ASP B 70 -4.53 -0.23 -8.30
CA ASP B 70 -3.23 -0.12 -7.61
C ASP B 70 -2.06 -0.39 -8.55
N THR B 71 -2.18 -1.45 -9.35
CA THR B 71 -1.14 -1.85 -10.29
C THR B 71 -0.93 -0.82 -11.38
N LEU B 72 -2.02 -0.33 -11.96
CA LEU B 72 -1.91 0.68 -13.01
C LEU B 72 -1.17 1.94 -12.52
N ARG B 73 -1.51 2.42 -11.33
CA ARG B 73 -0.83 3.59 -10.79
C ARG B 73 0.67 3.33 -10.61
N ILE B 74 1.05 2.24 -9.95
CA ILE B 74 2.47 2.01 -9.68
C ILE B 74 3.24 1.70 -10.98
N THR B 75 2.58 1.06 -11.94
CA THR B 75 3.13 0.82 -13.28
C THR B 75 3.39 2.13 -13.98
N TYR B 76 2.38 3.01 -13.99
CA TYR B 76 2.54 4.34 -14.54
C TYR B 76 3.76 5.05 -13.97
N LEU B 77 3.80 5.14 -12.63
CA LEU B 77 4.80 5.92 -11.91
C LEU B 77 6.20 5.38 -12.05
N THR B 78 6.35 4.08 -12.22
CA THR B 78 7.70 3.49 -12.38
C THR B 78 8.12 3.42 -13.84
N GLU B 79 7.25 3.90 -14.74
CA GLU B 79 7.47 3.80 -16.20
C GLU B 79 7.73 2.36 -16.64
N THR B 80 7.00 1.42 -16.04
CA THR B 80 7.18 0.02 -16.37
C THR B 80 6.47 -0.29 -17.68
N LYS B 81 7.17 -0.99 -18.56
CA LYS B 81 6.58 -1.42 -19.83
C LYS B 81 5.54 -2.51 -19.58
N ILE B 82 4.31 -2.25 -19.98
CA ILE B 82 3.26 -3.25 -20.05
C ILE B 82 3.45 -4.07 -21.32
N ASP B 83 3.30 -5.38 -21.21
CA ASP B 83 3.45 -6.26 -22.36
C ASP B 83 2.11 -6.39 -23.06
N LYS B 84 1.18 -7.05 -22.41
CA LYS B 84 -0.13 -7.27 -22.99
C LYS B 84 -1.25 -6.84 -22.05
N LEU B 85 -2.40 -6.49 -22.64
CA LEU B 85 -3.64 -6.33 -21.88
C LEU B 85 -4.68 -7.26 -22.48
N CYS B 86 -5.36 -8.00 -21.63
CA CYS B 86 -6.60 -8.67 -22.00
C CYS B 86 -7.73 -7.71 -21.62
N VAL B 87 -8.52 -7.34 -22.62
CA VAL B 87 -9.59 -6.36 -22.47
C VAL B 87 -10.93 -6.86 -23.02
N TRP B 88 -12.02 -6.41 -22.40
CA TRP B 88 -13.37 -6.61 -22.91
C TRP B 88 -13.65 -5.53 -23.94
N ASN B 89 -14.18 -5.94 -25.08
CA ASN B 89 -14.36 -5.01 -26.21
C ASN B 89 -15.81 -4.61 -26.41
N ASN B 90 -16.67 -4.95 -25.45
CA ASN B 90 -18.06 -4.54 -25.45
C ASN B 90 -18.28 -3.32 -24.56
N LYS B 91 -17.21 -2.60 -24.25
CA LYS B 91 -17.26 -1.40 -23.43
C LYS B 91 -16.42 -0.29 -24.07
N THR B 92 -16.79 0.96 -23.82
CA THR B 92 -16.06 2.08 -24.39
C THR B 92 -15.65 3.05 -23.29
N PRO B 93 -14.33 3.25 -23.10
CA PRO B 93 -13.25 2.53 -23.79
C PRO B 93 -13.17 1.08 -23.34
N ASN B 94 -12.43 0.27 -24.08
CA ASN B 94 -12.18 -1.13 -23.72
C ASN B 94 -11.79 -1.29 -22.25
N SER B 95 -12.29 -2.37 -21.64
CA SER B 95 -12.22 -2.54 -20.19
C SER B 95 -11.19 -3.61 -19.79
N ILE B 96 -10.30 -3.27 -18.87
CA ILE B 96 -9.16 -4.14 -18.54
C ILE B 96 -9.55 -5.37 -17.74
N ALA B 97 -9.21 -6.57 -18.26
CA ALA B 97 -9.47 -7.82 -17.55
C ALA B 97 -8.22 -8.39 -16.91
N ALA B 98 -7.10 -8.22 -17.58
CA ALA B 98 -5.83 -8.75 -17.12
C ALA B 98 -4.68 -7.94 -17.75
N ILE B 99 -3.54 -7.93 -17.06
CA ILE B 99 -2.37 -7.19 -17.50
C ILE B 99 -1.12 -8.09 -17.40
N SER B 100 -0.15 -7.89 -18.27
CA SER B 100 1.11 -8.62 -18.14
C SER B 100 2.29 -7.69 -18.39
N MET B 101 3.43 -7.99 -17.77
CA MET B 101 4.64 -7.20 -17.90
C MET B 101 5.82 -8.15 -18.02
N LYS B 102 6.70 -7.91 -18.98
CA LYS B 102 7.91 -8.71 -19.07
C LYS B 102 9.17 -7.87 -18.87
N ASN B 103 10.20 -8.51 -18.31
CA ASN B 103 11.44 -7.86 -17.92
C ASN B 103 12.61 -8.71 -18.38
N ALA C 1 6.79 -22.48 15.98
CA ALA C 1 6.68 -22.06 14.57
C ALA C 1 7.95 -22.44 13.81
N PRO C 2 7.84 -22.69 12.49
CA PRO C 2 9.02 -22.99 11.67
C PRO C 2 10.00 -21.81 11.61
N GLN C 3 11.28 -22.09 11.34
CA GLN C 3 12.31 -21.07 11.34
C GLN C 3 12.83 -20.73 9.96
N THR C 4 12.52 -21.57 8.98
CA THR C 4 12.89 -21.32 7.59
C THR C 4 11.74 -21.74 6.69
N ILE C 5 11.75 -21.23 5.46
CA ILE C 5 10.78 -21.63 4.43
C ILE C 5 10.74 -23.16 4.23
N THR C 6 11.92 -23.79 4.20
CA THR C 6 12.05 -25.23 4.00
C THR C 6 11.34 -25.98 5.13
N GLU C 7 11.56 -25.53 6.35
CA GLU C 7 10.93 -26.16 7.52
C GLU C 7 9.39 -26.00 7.49
N LEU C 8 8.93 -24.82 7.10
CA LEU C 8 7.50 -24.54 6.97
C LEU C 8 6.87 -25.41 5.90
N CYS C 9 7.54 -25.46 4.75
CA CYS C 9 7.09 -26.25 3.61
C CYS C 9 6.91 -27.75 3.94
N SER C 10 7.68 -28.24 4.89
CA SER C 10 7.63 -29.65 5.32
C SER C 10 6.44 -29.96 6.21
N GLU C 11 5.76 -28.92 6.69
CA GLU C 11 4.58 -29.09 7.56
C GLU C 11 3.30 -29.37 6.75
N TYR C 12 3.44 -29.51 5.44
CA TYR C 12 2.31 -29.70 4.54
C TYR C 12 2.52 -30.88 3.60
N ARG C 13 1.43 -31.35 3.01
CA ARG C 13 1.49 -32.42 2.01
C ARG C 13 1.37 -31.81 0.61
N ASN C 14 1.92 -32.51 -0.39
CA ASN C 14 1.93 -32.03 -1.77
C ASN C 14 2.68 -30.70 -1.97
N THR C 15 3.75 -30.51 -1.20
CA THR C 15 4.60 -29.34 -1.36
C THR C 15 6.05 -29.67 -1.65
N GLN C 16 6.71 -28.76 -2.34
CA GLN C 16 8.13 -28.87 -2.59
C GLN C 16 8.80 -27.51 -2.69
N ILE C 17 10.06 -27.46 -2.32
CA ILE C 17 10.85 -26.25 -2.43
C ILE C 17 11.43 -26.17 -3.83
N TYR C 18 11.17 -25.06 -4.51
CA TYR C 18 11.90 -24.71 -5.72
C TYR C 18 12.94 -23.66 -5.38
N THR C 19 14.21 -23.99 -5.61
CA THR C 19 15.30 -23.05 -5.43
C THR C 19 15.38 -22.24 -6.72
N ILE C 20 14.98 -20.98 -6.65
CA ILE C 20 14.87 -20.12 -7.84
C ILE C 20 16.13 -19.28 -8.07
N ASN C 21 16.58 -18.60 -7.02
CA ASN C 21 17.80 -17.76 -7.04
C ASN C 21 17.83 -16.82 -8.26
N ASP C 22 16.72 -16.13 -8.49
CA ASP C 22 16.55 -15.28 -9.67
C ASP C 22 15.41 -14.28 -9.45
N LYS C 23 15.44 -13.19 -10.21
CA LYS C 23 14.33 -12.23 -10.22
C LYS C 23 13.22 -12.77 -11.10
N ILE C 24 12.02 -12.21 -10.96
CA ILE C 24 10.85 -12.64 -11.73
C ILE C 24 10.97 -12.20 -13.19
N LEU C 25 10.72 -13.10 -14.12
CA LEU C 25 10.77 -12.75 -15.55
C LEU C 25 9.51 -12.01 -15.98
N SER C 26 8.34 -12.58 -15.66
CA SER C 26 7.06 -11.98 -16.05
C SER C 26 6.05 -12.01 -14.93
N TYR C 27 5.24 -10.96 -14.89
CA TYR C 27 4.19 -10.80 -13.91
C TYR C 27 2.88 -10.64 -14.66
N THR C 28 1.91 -11.47 -14.30
CA THR C 28 0.58 -11.44 -14.91
C THR C 28 -0.47 -11.33 -13.80
N GLU C 29 -1.36 -10.34 -13.94
CA GLU C 29 -2.43 -10.14 -12.99
C GLU C 29 -3.78 -10.07 -13.70
N SER C 30 -4.77 -10.78 -13.15
CA SER C 30 -6.11 -10.87 -13.72
C SER C 30 -7.20 -10.47 -12.73
N MET C 31 -8.12 -9.62 -13.17
CA MET C 31 -9.30 -9.26 -12.37
C MET C 31 -10.56 -9.80 -13.02
N ALA C 32 -10.40 -10.70 -13.97
CA ALA C 32 -11.54 -11.34 -14.63
C ALA C 32 -12.24 -12.30 -13.67
N GLY C 33 -13.57 -12.34 -13.74
CA GLY C 33 -14.35 -13.09 -12.78
C GLY C 33 -14.02 -14.56 -12.78
N LYS C 34 -13.75 -15.12 -11.61
CA LYS C 34 -13.35 -16.53 -11.42
C LYS C 34 -11.90 -16.81 -11.82
N ARG C 35 -11.21 -15.77 -12.28
CA ARG C 35 -9.77 -15.85 -12.57
C ARG C 35 -9.01 -14.68 -11.92
N GLU C 36 -9.36 -14.39 -10.67
CA GLU C 36 -8.71 -13.33 -9.89
C GLU C 36 -7.44 -13.94 -9.32
N MET C 37 -6.36 -13.80 -10.08
CA MET C 37 -5.14 -14.52 -9.79
C MET C 37 -3.89 -13.81 -10.32
N VAL C 38 -2.73 -14.24 -9.84
CA VAL C 38 -1.49 -13.74 -10.32
C VAL C 38 -0.69 -14.93 -10.85
N ILE C 39 -0.01 -14.71 -11.97
CA ILE C 39 0.88 -15.71 -12.53
C ILE C 39 2.27 -15.09 -12.68
N ILE C 40 3.30 -15.82 -12.26
CA ILE C 40 4.68 -15.35 -12.44
C ILE C 40 5.45 -16.42 -13.18
N THR C 41 6.33 -16.00 -14.09
CA THR C 41 7.21 -16.97 -14.73
C THR C 41 8.65 -16.57 -14.49
N PHE C 42 9.56 -17.52 -14.70
CA PHE C 42 10.99 -17.29 -14.61
C PHE C 42 11.71 -17.63 -15.91
N LYS C 43 13.00 -17.23 -15.95
CA LYS C 43 13.87 -17.45 -17.07
C LYS C 43 14.06 -18.93 -17.30
N SER C 44 13.96 -19.68 -16.20
CA SER C 44 14.05 -21.12 -16.20
C SER C 44 12.89 -21.78 -16.96
N GLY C 45 11.85 -21.01 -17.25
CA GLY C 45 10.67 -21.51 -17.94
C GLY C 45 9.57 -21.96 -17.00
N GLU C 46 9.88 -22.02 -15.70
CA GLU C 46 8.88 -22.41 -14.69
C GLU C 46 7.88 -21.34 -14.40
N THR C 47 6.61 -21.76 -14.31
CA THR C 47 5.47 -20.88 -14.12
C THR C 47 4.82 -21.21 -12.77
N PHE C 48 4.33 -20.18 -12.06
CA PHE C 48 3.68 -20.36 -10.77
C PHE C 48 2.49 -19.43 -10.61
N GLN C 49 1.51 -19.88 -9.84
CA GLN C 49 0.33 -19.07 -9.56
C GLN C 49 0.11 -18.78 -8.09
N VAL C 50 -0.63 -17.71 -7.81
CA VAL C 50 -1.37 -17.58 -6.58
C VAL C 50 -2.80 -17.90 -7.00
N GLU C 51 -3.33 -19.00 -6.46
CA GLU C 51 -4.68 -19.45 -6.78
C GLU C 51 -5.77 -18.43 -6.53
N VAL C 52 -6.82 -18.53 -7.34
CA VAL C 52 -8.08 -17.86 -7.07
C VAL C 52 -8.56 -18.29 -5.64
N PRO C 53 -9.00 -17.33 -4.82
CA PRO C 53 -9.54 -17.70 -3.52
C PRO C 53 -10.74 -18.61 -3.69
N GLY C 54 -10.79 -19.71 -2.91
CA GLY C 54 -11.91 -20.65 -3.00
C GLY C 54 -12.04 -21.49 -1.74
N SER C 55 -12.82 -22.57 -1.84
CA SER C 55 -13.14 -23.37 -0.63
C SER C 55 -11.94 -24.14 -0.04
N GLN C 56 -10.84 -24.21 -0.78
CA GLN C 56 -9.61 -24.82 -0.27
C GLN C 56 -8.86 -23.88 0.69
N HIS C 57 -9.40 -22.68 0.87
CA HIS C 57 -8.78 -21.69 1.72
C HIS C 57 -9.59 -21.49 2.99
N ILE C 58 -8.90 -21.37 4.11
CA ILE C 58 -9.56 -21.00 5.37
C ILE C 58 -9.53 -19.47 5.53
N ASP C 59 -10.29 -18.93 6.48
CA ASP C 59 -10.49 -17.50 6.60
C ASP C 59 -9.19 -16.75 6.81
N SER C 60 -8.33 -17.32 7.63
CA SER C 60 -7.03 -16.74 7.95
C SER C 60 -6.11 -16.53 6.72
N GLN C 61 -6.45 -17.20 5.61
CA GLN C 61 -5.66 -17.14 4.40
C GLN C 61 -6.06 -16.00 3.46
N LYS C 62 -7.29 -15.51 3.60
CA LYS C 62 -7.77 -14.42 2.74
C LYS C 62 -6.80 -13.23 2.68
N LYS C 63 -6.40 -12.72 3.84
CA LYS C 63 -5.48 -11.58 3.89
C LYS C 63 -4.10 -11.95 3.42
N ALA C 64 -3.68 -13.17 3.73
CA ALA C 64 -2.38 -13.66 3.29
C ALA C 64 -2.28 -13.87 1.77
N ILE C 65 -3.37 -14.30 1.13
CA ILE C 65 -3.40 -14.42 -0.32
C ILE C 65 -3.21 -13.02 -0.95
N GLU C 66 -3.96 -12.02 -0.46
CA GLU C 66 -3.76 -10.66 -0.93
C GLU C 66 -2.31 -10.15 -0.69
N ARG C 67 -1.74 -10.43 0.48
CA ARG C 67 -0.36 -10.03 0.77
C ARG C 67 0.61 -10.66 -0.24
N MET C 68 0.46 -11.97 -0.50
CA MET C 68 1.34 -12.65 -1.45
C MET C 68 1.29 -11.98 -2.83
N LYS C 69 0.11 -11.62 -3.30
CA LYS C 69 0.03 -10.95 -4.58
C LYS C 69 0.70 -9.57 -4.50
N ASP C 70 0.54 -8.85 -3.39
CA ASP C 70 1.25 -7.57 -3.20
C ASP C 70 2.77 -7.76 -3.28
N THR C 71 3.28 -8.82 -2.66
CA THR C 71 4.69 -9.09 -2.60
C THR C 71 5.24 -9.47 -3.99
N LEU C 72 4.48 -10.24 -4.74
CA LEU C 72 4.92 -10.63 -6.07
C LEU C 72 5.07 -9.42 -6.98
N ARG C 73 4.11 -8.51 -6.93
CA ARG C 73 4.17 -7.29 -7.71
C ARG C 73 5.39 -6.45 -7.35
N ILE C 74 5.57 -6.17 -6.06
CA ILE C 74 6.67 -5.30 -5.67
C ILE C 74 8.03 -5.98 -5.90
N THR C 75 8.06 -7.30 -5.75
CA THR C 75 9.26 -8.09 -6.03
C THR C 75 9.61 -7.98 -7.50
N TYR C 76 8.62 -8.22 -8.35
CA TYR C 76 8.79 -8.07 -9.78
C TYR C 76 9.38 -6.70 -10.12
N LEU C 77 8.71 -5.65 -9.63
CA LEU C 77 9.02 -4.27 -9.99
C LEU C 77 10.38 -3.79 -9.52
N THR C 78 10.85 -4.30 -8.38
CA THR C 78 12.16 -3.94 -7.87
C THR C 78 13.30 -4.85 -8.38
N GLU C 79 12.94 -5.84 -9.21
CA GLU C 79 13.88 -6.83 -9.72
C GLU C 79 14.57 -7.55 -8.57
N THR C 80 13.83 -7.80 -7.49
CA THR C 80 14.39 -8.50 -6.34
C THR C 80 14.50 -9.98 -6.63
N LYS C 81 15.67 -10.55 -6.35
CA LYS C 81 15.91 -11.98 -6.49
C LYS C 81 15.12 -12.75 -5.44
N ILE C 82 14.22 -13.59 -5.89
CA ILE C 82 13.61 -14.63 -5.07
C ILE C 82 14.62 -15.76 -4.82
N ASP C 83 14.65 -16.27 -3.59
CA ASP C 83 15.53 -17.38 -3.27
C ASP C 83 14.77 -18.68 -3.50
N LYS C 84 13.77 -18.92 -2.67
CA LYS C 84 12.99 -20.17 -2.75
C LYS C 84 11.48 -19.92 -2.82
N LEU C 85 10.77 -20.85 -3.47
CA LEU C 85 9.32 -20.89 -3.36
C LEU C 85 8.91 -22.24 -2.78
N CYS C 86 8.02 -22.20 -1.80
CA CYS C 86 7.31 -23.40 -1.37
C CYS C 86 6.00 -23.41 -2.14
N VAL C 87 5.79 -24.47 -2.91
CA VAL C 87 4.63 -24.53 -3.79
C VAL C 87 3.88 -25.85 -3.64
N TRP C 88 2.56 -25.80 -3.83
CA TRP C 88 1.75 -27.01 -3.94
C TRP C 88 1.84 -27.54 -5.35
N ASN C 89 2.08 -28.84 -5.48
CA ASN C 89 2.32 -29.46 -6.78
C ASN C 89 1.12 -30.27 -7.32
N ASN C 90 -0.02 -30.13 -6.64
CA ASN C 90 -1.27 -30.74 -7.11
C ASN C 90 -2.15 -29.72 -7.84
N LYS C 91 -1.55 -28.62 -8.29
CA LYS C 91 -2.24 -27.59 -9.08
C LYS C 91 -1.41 -27.24 -10.31
N THR C 92 -2.07 -26.80 -11.39
CA THR C 92 -1.35 -26.42 -12.60
C THR C 92 -1.74 -25.00 -13.02
N PRO C 93 -0.75 -24.10 -13.09
CA PRO C 93 0.63 -24.29 -12.66
C PRO C 93 0.74 -24.42 -11.14
N ASN C 94 1.91 -24.84 -10.66
CA ASN C 94 2.15 -24.98 -9.23
C ASN C 94 1.75 -23.73 -8.45
N SER C 95 1.21 -23.91 -7.24
CA SER C 95 0.58 -22.84 -6.50
C SER C 95 1.43 -22.40 -5.31
N ILE C 96 1.64 -21.09 -5.17
CA ILE C 96 2.58 -20.54 -4.20
C ILE C 96 2.03 -20.59 -2.78
N ALA C 97 2.81 -21.21 -1.89
CA ALA C 97 2.47 -21.31 -0.47
C ALA C 97 3.32 -20.36 0.37
N ALA C 98 4.58 -20.20 -0.02
CA ALA C 98 5.49 -19.33 0.70
C ALA C 98 6.62 -18.90 -0.22
N ILE C 99 7.28 -17.81 0.13
CA ILE C 99 8.33 -17.23 -0.69
C ILE C 99 9.47 -16.79 0.24
N SER C 100 10.70 -16.87 -0.23
CA SER C 100 11.82 -16.31 0.51
C SER C 100 12.73 -15.50 -0.40
N MET C 101 13.45 -14.54 0.19
CA MET C 101 14.40 -13.69 -0.53
C MET C 101 15.62 -13.48 0.34
N LYS C 102 16.82 -13.62 -0.24
CA LYS C 102 18.02 -13.35 0.54
C LYS C 102 18.85 -12.24 -0.09
N ASN C 103 19.51 -11.47 0.76
CA ASN C 103 20.25 -10.25 0.38
C ASN C 103 21.63 -10.25 1.05
N ALA D 1 2.13 7.65 27.28
CA ALA D 1 2.67 6.65 26.31
C ALA D 1 4.20 6.64 26.33
N PRO D 2 4.82 5.48 26.05
CA PRO D 2 6.27 5.37 26.01
C PRO D 2 6.87 6.27 24.95
N GLN D 3 8.12 6.68 25.16
CA GLN D 3 8.79 7.58 24.25
C GLN D 3 9.87 6.93 23.39
N THR D 4 10.24 5.69 23.72
CA THR D 4 11.24 4.94 22.95
C THR D 4 10.80 3.48 22.92
N ILE D 5 11.40 2.73 22.00
CA ILE D 5 11.15 1.29 21.89
C ILE D 5 11.49 0.56 23.20
N THR D 6 12.63 0.92 23.79
CA THR D 6 13.09 0.32 25.03
C THR D 6 12.07 0.53 26.13
N GLU D 7 11.58 1.76 26.27
CA GLU D 7 10.58 2.08 27.30
C GLU D 7 9.27 1.30 27.08
N LEU D 8 8.85 1.19 25.83
CA LEU D 8 7.64 0.45 25.47
C LEU D 8 7.79 -1.03 25.81
N CYS D 9 8.92 -1.59 25.38
CA CYS D 9 9.29 -2.98 25.63
C CYS D 9 9.22 -3.38 27.10
N SER D 10 9.54 -2.44 27.99
CA SER D 10 9.56 -2.65 29.44
C SER D 10 8.18 -2.72 30.08
N GLU D 11 7.16 -2.32 29.31
CA GLU D 11 5.76 -2.36 29.78
C GLU D 11 5.15 -3.74 29.63
N TYR D 12 5.95 -4.71 29.18
CA TYR D 12 5.52 -6.10 28.97
C TYR D 12 6.38 -7.13 29.69
N ARG D 13 5.85 -8.34 29.81
CA ARG D 13 6.59 -9.48 30.36
C ARG D 13 7.08 -10.37 29.22
N ASN D 14 8.15 -11.12 29.49
CA ASN D 14 8.78 -11.99 28.48
C ASN D 14 9.24 -11.25 27.20
N THR D 15 9.68 -10.01 27.36
CA THR D 15 10.25 -9.26 26.26
C THR D 15 11.69 -8.83 26.52
N GLN D 16 12.42 -8.63 25.43
CA GLN D 16 13.78 -8.11 25.49
C GLN D 16 14.13 -7.35 24.23
N ILE D 17 15.02 -6.38 24.39
CA ILE D 17 15.50 -5.61 23.27
C ILE D 17 16.69 -6.32 22.64
N TYR D 18 16.60 -6.59 21.35
CA TYR D 18 17.77 -6.97 20.58
C TYR D 18 18.25 -5.76 19.80
N THR D 19 19.49 -5.37 20.06
CA THR D 19 20.16 -4.33 19.30
C THR D 19 20.73 -4.99 18.04
N ILE D 20 20.10 -4.68 16.90
CA ILE D 20 20.43 -5.30 15.62
C ILE D 20 21.45 -4.47 14.85
N ASN D 21 21.14 -3.19 14.62
CA ASN D 21 22.00 -2.26 13.90
C ASN D 21 22.47 -2.84 12.55
N ASP D 22 21.50 -3.37 11.79
CA ASP D 22 21.79 -4.06 10.54
C ASP D 22 20.53 -4.16 9.68
N LYS D 23 20.73 -4.29 8.38
CA LYS D 23 19.63 -4.55 7.45
C LYS D 23 19.23 -6.02 7.54
N ILE D 24 18.01 -6.35 7.09
CA ILE D 24 17.53 -7.73 7.11
C ILE D 24 18.28 -8.58 6.08
N LEU D 25 18.73 -9.76 6.49
CA LEU D 25 19.41 -10.66 5.56
C LEU D 25 18.39 -11.39 4.70
N SER D 26 17.37 -11.96 5.32
CA SER D 26 16.37 -12.75 4.59
C SER D 26 14.95 -12.47 5.03
N TYR D 27 14.04 -12.45 4.06
CA TYR D 27 12.63 -12.23 4.26
C TYR D 27 11.87 -13.44 3.78
N THR D 28 11.04 -14.03 4.65
CA THR D 28 10.23 -15.19 4.31
C THR D 28 8.77 -14.93 4.64
N GLU D 29 7.89 -15.16 3.67
CA GLU D 29 6.47 -14.89 3.84
C GLU D 29 5.67 -16.11 3.40
N SER D 30 4.70 -16.49 4.23
CA SER D 30 3.86 -17.67 4.01
C SER D 30 2.38 -17.37 4.01
N MET D 31 1.66 -17.89 3.02
CA MET D 31 0.19 -17.78 3.00
C MET D 31 -0.43 -19.17 3.18
N ALA D 32 0.37 -20.13 3.63
CA ALA D 32 -0.17 -21.48 3.90
C ALA D 32 -1.05 -21.48 5.16
N GLY D 33 -2.15 -22.22 5.09
CA GLY D 33 -3.13 -22.21 6.17
C GLY D 33 -2.56 -22.60 7.52
N LYS D 34 -2.82 -21.77 8.53
CA LYS D 34 -2.29 -21.91 9.91
C LYS D 34 -0.81 -21.53 10.04
N ARG D 35 -0.19 -21.14 8.92
CA ARG D 35 1.18 -20.59 8.92
C ARG D 35 1.24 -19.27 8.16
N GLU D 36 0.23 -18.42 8.39
CA GLU D 36 0.23 -17.09 7.77
C GLU D 36 1.13 -16.19 8.60
N MET D 37 2.38 -16.09 8.19
CA MET D 37 3.40 -15.49 9.04
C MET D 37 4.55 -14.99 8.20
N VAL D 38 5.40 -14.19 8.82
CA VAL D 38 6.61 -13.69 8.18
C VAL D 38 7.78 -14.06 9.09
N ILE D 39 8.87 -14.49 8.48
CA ILE D 39 10.10 -14.79 9.18
C ILE D 39 11.23 -13.92 8.60
N ILE D 40 12.03 -13.31 9.48
CA ILE D 40 13.20 -12.56 9.06
C ILE D 40 14.44 -13.10 9.75
N THR D 41 15.56 -13.12 9.03
CA THR D 41 16.82 -13.50 9.63
C THR D 41 17.85 -12.40 9.44
N PHE D 42 18.92 -12.46 10.23
CA PHE D 42 20.01 -11.51 10.11
C PHE D 42 21.34 -12.21 9.90
N LYS D 43 22.35 -11.42 9.57
CA LYS D 43 23.72 -11.88 9.34
C LYS D 43 24.27 -12.53 10.61
N SER D 44 23.79 -12.02 11.74
CA SER D 44 24.16 -12.51 13.06
C SER D 44 23.72 -13.95 13.30
N GLY D 45 22.81 -14.45 12.45
CA GLY D 45 22.23 -15.78 12.60
C GLY D 45 20.86 -15.76 13.27
N GLU D 46 20.48 -14.63 13.85
CA GLU D 46 19.24 -14.55 14.62
C GLU D 46 18.01 -14.49 13.72
N THR D 47 17.02 -15.27 14.10
CA THR D 47 15.78 -15.40 13.36
C THR D 47 14.63 -14.84 14.19
N PHE D 48 13.68 -14.17 13.53
CA PHE D 48 12.51 -13.61 14.21
C PHE D 48 11.24 -13.80 13.39
N GLN D 49 10.12 -13.95 14.09
CA GLN D 49 8.81 -14.10 13.45
C GLN D 49 7.82 -12.97 13.78
N VAL D 50 6.83 -12.81 12.91
CA VAL D 50 5.58 -12.17 13.24
C VAL D 50 4.66 -13.34 13.28
N GLU D 51 4.13 -13.61 14.48
CA GLU D 51 3.27 -14.75 14.71
C GLU D 51 2.02 -14.74 13.86
N VAL D 52 1.56 -15.95 13.53
CA VAL D 52 0.23 -16.22 13.04
C VAL D 52 -0.77 -15.53 14.00
N PRO D 53 -1.76 -14.78 13.45
CA PRO D 53 -2.82 -14.24 14.34
C PRO D 53 -3.54 -15.39 15.07
N GLY D 54 -3.80 -15.22 16.37
CA GLY D 54 -4.44 -16.23 17.19
C GLY D 54 -5.07 -15.65 18.45
N SER D 55 -5.49 -16.52 19.37
CA SER D 55 -6.19 -16.07 20.57
C SER D 55 -5.31 -15.25 21.55
N GLN D 56 -4.00 -15.26 21.34
CA GLN D 56 -3.09 -14.41 22.13
C GLN D 56 -3.13 -12.94 21.70
N HIS D 57 -3.91 -12.65 20.65
CA HIS D 57 -4.03 -11.31 20.12
C HIS D 57 -5.37 -10.69 20.43
N ILE D 58 -5.37 -9.42 20.80
CA ILE D 58 -6.62 -8.69 20.98
C ILE D 58 -7.00 -7.98 19.66
N ASP D 59 -8.24 -7.52 19.55
CA ASP D 59 -8.73 -6.97 18.28
C ASP D 59 -7.84 -5.86 17.72
N SER D 60 -7.42 -4.96 18.61
CA SER D 60 -6.61 -3.81 18.23
C SER D 60 -5.28 -4.21 17.59
N GLN D 61 -4.86 -5.44 17.82
CA GLN D 61 -3.63 -5.93 17.21
C GLN D 61 -3.74 -6.45 15.78
N LYS D 62 -4.96 -6.73 15.30
CA LYS D 62 -5.10 -7.31 13.96
C LYS D 62 -4.49 -6.44 12.86
N LYS D 63 -4.86 -5.17 12.85
CA LYS D 63 -4.27 -4.25 11.88
C LYS D 63 -2.77 -4.03 12.14
N ALA D 64 -2.38 -4.03 13.41
CA ALA D 64 -0.98 -3.79 13.73
C ALA D 64 -0.10 -4.97 13.29
N ILE D 65 -0.62 -6.18 13.39
CA ILE D 65 0.07 -7.36 12.85
C ILE D 65 0.31 -7.21 11.34
N GLU D 66 -0.74 -6.85 10.60
CA GLU D 66 -0.61 -6.62 9.17
C GLU D 66 0.38 -5.49 8.87
N ARG D 67 0.31 -4.40 9.64
CA ARG D 67 1.27 -3.29 9.47
C ARG D 67 2.68 -3.78 9.66
N MET D 68 2.94 -4.57 10.71
CA MET D 68 4.31 -5.03 10.99
C MET D 68 4.88 -5.86 9.85
N LYS D 69 4.07 -6.74 9.28
CA LYS D 69 4.51 -7.48 8.10
C LYS D 69 4.77 -6.53 6.91
N ASP D 70 3.98 -5.46 6.77
CA ASP D 70 4.16 -4.49 5.68
C ASP D 70 5.51 -3.81 5.81
N THR D 71 5.83 -3.45 7.06
CA THR D 71 7.06 -2.76 7.38
C THR D 71 8.28 -3.65 7.15
N LEU D 72 8.16 -4.92 7.51
CA LEU D 72 9.28 -5.84 7.35
C LEU D 72 9.65 -6.02 5.89
N ARG D 73 8.64 -6.22 5.04
CA ARG D 73 8.87 -6.29 3.59
C ARG D 73 9.54 -5.02 3.04
N ILE D 74 8.98 -3.84 3.32
CA ILE D 74 9.53 -2.65 2.69
C ILE D 74 10.93 -2.37 3.27
N THR D 75 11.14 -2.69 4.55
CA THR D 75 12.44 -2.55 5.20
C THR D 75 13.46 -3.48 4.55
N TYR D 76 13.06 -4.73 4.34
CA TYR D 76 13.91 -5.65 3.63
C TYR D 76 14.33 -5.08 2.29
N LEU D 77 13.32 -4.70 1.49
CA LEU D 77 13.51 -4.32 0.09
C LEU D 77 14.32 -3.06 -0.10
N THR D 78 14.25 -2.15 0.86
CA THR D 78 15.03 -0.89 0.79
C THR D 78 16.40 -1.03 1.44
N GLU D 79 16.68 -2.22 1.98
CA GLU D 79 17.92 -2.47 2.72
C GLU D 79 18.07 -1.49 3.88
N THR D 80 16.97 -1.17 4.54
CA THR D 80 17.00 -0.22 5.64
C THR D 80 17.53 -0.89 6.89
N LYS D 81 18.46 -0.22 7.56
CA LYS D 81 19.03 -0.73 8.80
C LYS D 81 17.97 -0.65 9.88
N ILE D 82 17.70 -1.80 10.49
CA ILE D 82 16.93 -1.88 11.73
C ILE D 82 17.85 -1.58 12.90
N ASP D 83 17.36 -0.79 13.84
CA ASP D 83 18.12 -0.46 15.02
C ASP D 83 17.86 -1.52 16.07
N LYS D 84 16.64 -1.56 16.59
CA LYS D 84 16.28 -2.47 17.66
C LYS D 84 14.98 -3.21 17.40
N LEU D 85 14.88 -4.41 17.95
CA LEU D 85 13.63 -5.16 17.97
C LEU D 85 13.28 -5.45 19.40
N CYS D 86 12.02 -5.17 19.75
CA CYS D 86 11.44 -5.64 21.00
C CYS D 86 10.72 -6.93 20.64
N VAL D 87 11.14 -8.02 21.28
CA VAL D 87 10.62 -9.34 20.95
C VAL D 87 10.13 -10.08 22.19
N TRP D 88 9.12 -10.92 21.99
CA TRP D 88 8.71 -11.89 23.00
C TRP D 88 9.63 -13.11 22.93
N ASN D 89 10.18 -13.49 24.08
CA ASN D 89 11.13 -14.60 24.10
C ASN D 89 10.51 -15.92 24.55
N ASN D 90 9.18 -15.98 24.64
CA ASN D 90 8.49 -17.22 24.99
C ASN D 90 7.91 -17.90 23.75
N LYS D 91 8.46 -17.55 22.59
CA LYS D 91 8.09 -18.15 21.30
C LYS D 91 9.35 -18.50 20.49
N THR D 92 9.24 -19.52 19.64
CA THR D 92 10.37 -19.94 18.81
C THR D 92 9.97 -19.95 17.33
N PRO D 93 10.64 -19.13 16.51
CA PRO D 93 11.65 -18.13 16.92
C PRO D 93 11.01 -16.97 17.66
N ASN D 94 11.83 -16.16 18.30
CA ASN D 94 11.35 -14.98 19.02
C ASN D 94 10.38 -14.16 18.17
N SER D 95 9.36 -13.62 18.82
CA SER D 95 8.24 -12.98 18.15
C SER D 95 8.30 -11.45 18.26
N ILE D 96 8.15 -10.75 17.13
CA ILE D 96 8.33 -9.30 17.07
C ILE D 96 7.15 -8.53 17.68
N ALA D 97 7.47 -7.60 18.59
CA ALA D 97 6.48 -6.77 19.28
C ALA D 97 6.60 -5.32 18.82
N ALA D 98 7.83 -4.88 18.59
CA ALA D 98 8.11 -3.53 18.11
C ALA D 98 9.42 -3.51 17.32
N ILE D 99 9.54 -2.53 16.44
CA ILE D 99 10.74 -2.34 15.65
C ILE D 99 11.15 -0.87 15.67
N SER D 100 12.44 -0.59 15.64
CA SER D 100 12.88 0.80 15.49
C SER D 100 13.97 0.90 14.42
N MET D 101 14.09 2.07 13.81
CA MET D 101 15.09 2.34 12.77
C MET D 101 15.66 3.73 12.96
N LYS D 102 16.97 3.87 12.91
CA LYS D 102 17.55 5.22 12.99
C LYS D 102 18.34 5.60 11.74
N ASN D 103 18.34 6.90 11.43
CA ASN D 103 18.90 7.44 10.20
C ASN D 103 19.73 8.68 10.52
N ALA E 1 -13.30 24.69 4.21
CA ALA E 1 -12.17 23.87 4.72
C ALA E 1 -10.89 24.72 4.80
N PRO E 2 -9.98 24.42 5.76
CA PRO E 2 -8.72 25.16 5.87
C PRO E 2 -7.85 24.99 4.64
N GLN E 3 -6.99 25.96 4.37
CA GLN E 3 -6.13 25.90 3.18
C GLN E 3 -4.67 25.55 3.46
N THR E 4 -4.29 25.57 4.73
CA THR E 4 -2.92 25.24 5.13
C THR E 4 -2.96 24.48 6.43
N ILE E 5 -1.86 23.79 6.74
CA ILE E 5 -1.73 23.11 8.02
C ILE E 5 -1.96 24.03 9.22
N THR E 6 -1.34 25.22 9.17
CA THR E 6 -1.44 26.18 10.24
C THR E 6 -2.91 26.56 10.48
N GLU E 7 -3.63 26.88 9.41
CA GLU E 7 -5.05 27.23 9.49
C GLU E 7 -5.89 26.09 10.08
N LEU E 8 -5.61 24.85 9.66
CA LEU E 8 -6.29 23.68 10.17
C LEU E 8 -6.04 23.50 11.65
N CYS E 9 -4.76 23.56 12.03
CA CYS E 9 -4.32 23.44 13.41
C CYS E 9 -5.01 24.44 14.36
N SER E 10 -5.34 25.62 13.86
CA SER E 10 -6.01 26.68 14.65
C SER E 10 -7.49 26.39 14.93
N GLU E 11 -8.05 25.38 14.26
CA GLU E 11 -9.45 25.01 14.45
C GLU E 11 -9.65 24.12 15.68
N TYR E 12 -8.57 23.86 16.40
CA TYR E 12 -8.56 22.93 17.53
C TYR E 12 -7.97 23.57 18.78
N ARG E 13 -8.23 22.96 19.93
CA ARG E 13 -7.63 23.37 21.19
C ARG E 13 -6.46 22.46 21.53
N ASN E 14 -5.55 22.96 22.36
CA ASN E 14 -4.35 22.22 22.79
C ASN E 14 -3.45 21.78 21.63
N THR E 15 -3.41 22.56 20.56
CA THR E 15 -2.53 22.28 19.42
C THR E 15 -1.52 23.40 19.15
N GLN E 16 -0.38 23.01 18.59
CA GLN E 16 0.62 23.98 18.16
C GLN E 16 1.39 23.49 16.96
N ILE E 17 1.86 24.44 16.15
CA ILE E 17 2.66 24.13 14.98
C ILE E 17 4.14 24.01 15.37
N TYR E 18 4.73 22.86 15.07
CA TYR E 18 6.18 22.72 15.17
C TYR E 18 6.73 22.82 13.77
N THR E 19 7.59 23.81 13.56
CA THR E 19 8.30 23.95 12.29
C THR E 19 9.54 23.09 12.35
N ILE E 20 9.50 21.94 11.65
CA ILE E 20 10.54 20.91 11.72
C ILE E 20 11.63 21.12 10.67
N ASN E 21 11.22 21.24 9.41
CA ASN E 21 12.13 21.50 8.27
C ASN E 21 13.31 20.51 8.22
N ASP E 22 12.99 19.23 8.39
CA ASP E 22 14.00 18.20 8.52
C ASP E 22 13.38 16.85 8.22
N LYS E 23 14.22 15.89 7.83
CA LYS E 23 13.79 14.49 7.68
C LYS E 23 13.69 13.82 9.08
N ILE E 24 13.00 12.69 9.14
CA ILE E 24 12.82 11.98 10.40
C ILE E 24 14.13 11.30 10.80
N LEU E 25 14.55 11.47 12.06
CA LEU E 25 15.74 10.78 12.54
C LEU E 25 15.46 9.29 12.85
N SER E 26 14.41 9.01 13.62
CA SER E 26 14.08 7.63 13.98
C SER E 26 12.61 7.32 13.87
N TYR E 27 12.33 6.07 13.50
CA TYR E 27 10.98 5.55 13.32
C TYR E 27 10.80 4.33 14.20
N THR E 28 9.78 4.37 15.06
CA THR E 28 9.51 3.26 15.97
C THR E 28 8.07 2.82 15.78
N GLU E 29 7.88 1.53 15.56
CA GLU E 29 6.54 0.98 15.35
C GLU E 29 6.29 -0.20 16.27
N SER E 30 5.14 -0.21 16.93
CA SER E 30 4.78 -1.24 17.90
C SER E 30 3.45 -1.91 17.58
N MET E 31 3.43 -3.24 17.60
CA MET E 31 2.19 -4.01 17.50
C MET E 31 1.87 -4.72 18.81
N ALA E 32 2.49 -4.27 19.90
CA ALA E 32 2.20 -4.82 21.22
C ALA E 32 0.81 -4.33 21.69
N GLY E 33 0.02 -5.23 22.26
CA GLY E 33 -1.32 -4.89 22.71
C GLY E 33 -1.42 -3.69 23.64
N LYS E 34 -2.27 -2.75 23.27
CA LYS E 34 -2.50 -1.48 23.99
C LYS E 34 -1.39 -0.45 23.71
N ARG E 35 -0.38 -0.87 22.94
CA ARG E 35 0.67 0.04 22.49
C ARG E 35 0.85 -0.03 20.98
N GLU E 36 -0.26 -0.13 20.25
CA GLU E 36 -0.27 -0.11 18.78
C GLU E 36 -0.09 1.32 18.31
N MET E 37 1.16 1.72 18.11
CA MET E 37 1.47 3.14 17.93
C MET E 37 2.76 3.32 17.17
N VAL E 38 2.98 4.54 16.71
CA VAL E 38 4.22 4.88 16.07
C VAL E 38 4.85 6.06 16.81
N ILE E 39 6.16 6.01 16.97
CA ILE E 39 6.90 7.11 17.56
C ILE E 39 7.96 7.59 16.57
N ILE E 40 8.07 8.92 16.41
CA ILE E 40 9.12 9.48 15.57
C ILE E 40 9.95 10.47 16.38
N THR E 41 11.25 10.49 16.12
CA THR E 41 12.10 11.52 16.72
C THR E 41 12.83 12.31 15.65
N PHE E 42 13.31 13.50 16.03
CA PHE E 42 14.14 14.31 15.14
C PHE E 42 15.51 14.60 15.74
N LYS E 43 16.40 15.11 14.89
CA LYS E 43 17.74 15.53 15.27
C LYS E 43 17.70 16.58 16.36
N SER E 44 16.61 17.36 16.37
CA SER E 44 16.37 18.41 17.36
C SER E 44 16.13 17.85 18.77
N GLY E 45 15.89 16.55 18.86
CA GLY E 45 15.62 15.92 20.15
C GLY E 45 14.12 15.77 20.42
N GLU E 46 13.30 16.40 19.60
CA GLU E 46 11.84 16.31 19.79
C GLU E 46 11.24 14.98 19.32
N THR E 47 10.36 14.45 20.16
CA THR E 47 9.72 13.16 19.96
C THR E 47 8.22 13.37 19.74
N PHE E 48 7.63 12.59 18.83
CA PHE E 48 6.19 12.66 18.55
C PHE E 48 5.56 11.29 18.35
N GLN E 49 4.30 11.16 18.77
CA GLN E 49 3.55 9.92 18.58
C GLN E 49 2.32 10.07 17.69
N VAL E 50 1.92 8.95 17.06
CA VAL E 50 0.55 8.75 16.65
C VAL E 50 -0.02 7.88 17.77
N GLU E 51 -0.98 8.41 18.50
CA GLU E 51 -1.59 7.69 19.63
C GLU E 51 -2.22 6.39 19.19
N VAL E 52 -2.22 5.45 20.13
CA VAL E 52 -3.07 4.27 20.15
C VAL E 52 -4.51 4.73 19.91
N PRO E 53 -5.24 4.04 19.02
CA PRO E 53 -6.68 4.35 18.85
C PRO E 53 -7.42 4.10 20.15
N GLY E 54 -8.28 5.03 20.54
CA GLY E 54 -9.08 4.90 21.77
C GLY E 54 -10.33 5.75 21.74
N SER E 55 -10.96 5.96 22.91
CA SER E 55 -12.24 6.67 22.95
C SER E 55 -12.18 8.19 22.65
N GLN E 56 -10.96 8.75 22.61
CA GLN E 56 -10.75 10.14 22.19
C GLN E 56 -10.86 10.29 20.64
N HIS E 57 -11.04 9.18 19.95
CA HIS E 57 -11.15 9.20 18.49
C HIS E 57 -12.57 8.92 18.03
N ILE E 58 -13.01 9.66 17.03
CA ILE E 58 -14.28 9.36 16.38
C ILE E 58 -14.06 8.37 15.21
N ASP E 59 -15.16 7.79 14.69
CA ASP E 59 -15.05 6.75 13.68
C ASP E 59 -14.29 7.19 12.47
N SER E 60 -14.55 8.43 12.03
CA SER E 60 -13.95 9.00 10.82
C SER E 60 -12.41 9.07 10.93
N GLN E 61 -11.88 8.97 12.16
CA GLN E 61 -10.44 9.03 12.38
C GLN E 61 -9.71 7.69 12.28
N LYS E 62 -10.44 6.57 12.37
CA LYS E 62 -9.80 5.26 12.33
C LYS E 62 -8.92 5.10 11.08
N LYS E 63 -9.49 5.30 9.90
CA LYS E 63 -8.73 5.20 8.65
C LYS E 63 -7.63 6.25 8.57
N ALA E 64 -7.87 7.46 9.09
CA ALA E 64 -6.87 8.51 9.07
C ALA E 64 -5.69 8.21 9.98
N ILE E 65 -5.93 7.56 11.10
CA ILE E 65 -4.85 7.19 11.99
C ILE E 65 -3.90 6.23 11.27
N GLU E 66 -4.48 5.22 10.61
CA GLU E 66 -3.73 4.26 9.87
C GLU E 66 -2.98 4.95 8.72
N ARG E 67 -3.64 5.90 8.05
CA ARG E 67 -2.99 6.66 6.98
C ARG E 67 -1.76 7.41 7.50
N MET E 68 -1.90 8.08 8.64
CA MET E 68 -0.80 8.88 9.21
C MET E 68 0.38 7.99 9.51
N LYS E 69 0.12 6.79 10.04
CA LYS E 69 1.23 5.86 10.29
C LYS E 69 1.88 5.41 8.97
N ASP E 70 1.07 5.26 7.92
CA ASP E 70 1.60 4.90 6.60
C ASP E 70 2.53 5.96 6.09
N THR E 71 2.11 7.21 6.26
CA THR E 71 2.84 8.36 5.78
C THR E 71 4.16 8.52 6.55
N LEU E 72 4.11 8.31 7.85
CA LEU E 72 5.34 8.44 8.63
C LEU E 72 6.40 7.45 8.19
N ARG E 73 5.99 6.20 7.93
CA ARG E 73 6.92 5.17 7.48
C ARG E 73 7.52 5.56 6.14
N ILE E 74 6.68 5.86 5.14
CA ILE E 74 7.24 6.14 3.83
C ILE E 74 8.08 7.41 3.83
N THR E 75 7.66 8.40 4.63
CA THR E 75 8.42 9.63 4.82
C THR E 75 9.78 9.34 5.41
N TYR E 76 9.80 8.55 6.48
CA TYR E 76 11.06 8.12 7.06
C TYR E 76 11.98 7.50 6.01
N LEU E 77 11.45 6.49 5.31
CA LEU E 77 12.22 5.66 4.40
C LEU E 77 12.76 6.43 3.19
N THR E 78 12.02 7.45 2.74
CA THR E 78 12.45 8.23 1.59
C THR E 78 13.28 9.44 1.99
N GLU E 79 13.52 9.59 3.29
CA GLU E 79 14.27 10.72 3.85
C GLU E 79 13.63 12.03 3.41
N THR E 80 12.30 12.04 3.37
CA THR E 80 11.59 13.23 2.95
C THR E 80 11.56 14.26 4.07
N LYS E 81 11.89 15.50 3.74
CA LYS E 81 11.84 16.58 4.73
C LYS E 81 10.40 16.89 5.10
N ILE E 82 10.12 16.80 6.39
CA ILE E 82 8.86 17.29 6.94
C ILE E 82 8.98 18.79 7.12
N ASP E 83 7.92 19.51 6.78
CA ASP E 83 7.94 20.95 6.97
C ASP E 83 7.40 21.25 8.36
N LYS E 84 6.13 20.96 8.58
CA LYS E 84 5.47 21.28 9.83
C LYS E 84 4.70 20.12 10.38
N LEU E 85 4.53 20.11 11.69
CA LEU E 85 3.61 19.18 12.33
C LEU E 85 2.63 19.97 13.16
N CYS E 86 1.34 19.68 13.01
CA CYS E 86 0.35 20.10 13.97
C CYS E 86 0.20 19.00 15.00
N VAL E 87 0.48 19.33 16.25
CA VAL E 87 0.44 18.35 17.33
C VAL E 87 -0.43 18.78 18.52
N TRP E 88 -1.03 17.80 19.19
CA TRP E 88 -1.71 18.03 20.46
C TRP E 88 -0.66 18.03 21.54
N ASN E 89 -0.68 19.05 22.39
CA ASN E 89 0.32 19.19 23.44
C ASN E 89 -0.16 18.74 24.85
N ASN E 90 -1.30 18.07 24.90
CA ASN E 90 -1.81 17.51 26.17
C ASN E 90 -1.54 16.02 26.28
N LYS E 91 -0.61 15.54 25.45
CA LYS E 91 -0.16 14.15 25.48
C LYS E 91 1.37 14.09 25.53
N THR E 92 1.91 13.02 26.14
CA THR E 92 3.37 12.83 26.18
C THR E 92 3.79 11.47 25.59
N PRO E 93 4.61 11.51 24.52
CA PRO E 93 5.03 12.71 23.78
C PRO E 93 3.86 13.36 23.01
N ASN E 94 4.07 14.60 22.57
CA ASN E 94 3.11 15.30 21.73
C ASN E 94 2.54 14.41 20.61
N SER E 95 1.25 14.56 20.36
CA SER E 95 0.49 13.66 19.48
C SER E 95 0.18 14.30 18.11
N ILE E 96 0.52 13.61 17.03
CA ILE E 96 0.40 14.16 15.68
C ILE E 96 -1.06 14.29 15.19
N ALA E 97 -1.44 15.52 14.83
CA ALA E 97 -2.76 15.81 14.24
C ALA E 97 -2.71 15.97 12.73
N ALA E 98 -1.64 16.61 12.26
CA ALA E 98 -1.46 16.85 10.84
C ALA E 98 0.02 16.97 10.54
N ILE E 99 0.37 16.79 9.28
CA ILE E 99 1.75 16.86 8.80
C ILE E 99 1.79 17.64 7.47
N SER E 100 2.86 18.39 7.23
CA SER E 100 3.06 18.98 5.91
C SER E 100 4.48 18.79 5.40
N MET E 101 4.63 18.77 4.08
CA MET E 101 5.94 18.59 3.45
C MET E 101 6.01 19.55 2.30
N LYS E 102 7.12 20.29 2.16
CA LYS E 102 7.30 21.11 0.97
C LYS E 102 8.51 20.68 0.14
N ASN E 103 8.41 20.95 -1.16
CA ASN E 103 9.36 20.47 -2.16
C ASN E 103 9.69 21.56 -3.16
C2 BGC F . -33.90 17.86 -7.52
C3 BGC F . -32.37 17.87 -7.33
C4 BGC F . -31.64 17.35 -8.57
C5 BGC F . -32.17 18.05 -9.82
C6 BGC F . -31.50 17.57 -11.11
C1 BGC F . -34.27 18.51 -8.84
O1 BGC F . -35.67 18.48 -9.10
O2 BGC F . -34.46 18.59 -6.46
O3 BGC F . -32.06 17.08 -6.20
O4 BGC F . -30.24 17.54 -8.44
O5 BGC F . -33.56 17.83 -9.88
O6 BGC F . -32.33 17.75 -12.23
C1 GAL F . -29.53 16.29 -8.48
C2 GAL F . -28.10 16.54 -8.97
C3 GAL F . -27.29 15.27 -8.92
C4 GAL F . -27.36 14.63 -7.54
C5 GAL F . -28.82 14.36 -7.23
C6 GAL F . -28.93 13.66 -5.87
O2 GAL F . -28.20 17.04 -10.30
O3 GAL F . -25.92 15.50 -9.15
O4 GAL F . -26.83 15.53 -6.57
O5 GAL F . -29.51 15.60 -7.23
O6 GAL F . -30.04 12.79 -5.87
C1 NGA F . -25.51 15.20 -6.09
C2 NGA F . -24.77 16.45 -5.62
C3 NGA F . -23.41 16.09 -5.03
C4 NGA F . -23.55 15.01 -3.96
C5 NGA F . -24.34 13.82 -4.50
C6 NGA F . -24.55 12.75 -3.43
C7 NGA F . -25.18 18.55 -6.82
C8 NGA F . -24.93 19.33 -8.08
N2 NGA F . -24.61 17.34 -6.75
O3 NGA F . -22.78 17.23 -4.43
O4 NGA F . -24.16 15.58 -2.79
O5 NGA F . -25.59 14.25 -5.02
O6 NGA F . -25.83 12.18 -3.67
O7 NGA F . -25.87 19.01 -5.92
C1 GAL F . -21.37 17.27 -4.69
C2 GAL F . -20.83 18.60 -4.14
C3 GAL F . -19.34 18.67 -4.47
C4 GAL F . -18.62 17.45 -3.92
C5 GAL F . -19.28 16.18 -4.47
C6 GAL F . -18.63 14.89 -3.99
O2 GAL F . -21.51 19.71 -4.68
O3 GAL F . -18.77 19.84 -3.93
O4 GAL F . -18.72 17.49 -2.52
O5 GAL F . -20.66 16.18 -4.12
O6 GAL F . -19.26 13.78 -4.60
C1 SIA F . -23.98 16.31 -10.21
C2 SIA F . -25.28 15.55 -10.44
C3 SIA F . -25.69 15.49 -11.92
C4 SIA F . -24.79 14.60 -12.79
C5 SIA F . -24.40 13.27 -12.11
C6 SIA F . -24.01 13.46 -10.63
C7 SIA F . -23.76 12.16 -9.83
C8 SIA F . -23.59 12.41 -8.33
C9 SIA F . -23.00 11.18 -7.67
C10 SIA F . -23.36 11.34 -13.20
C11 SIA F . -22.19 10.87 -14.01
N5 SIA F . -23.33 12.63 -12.88
O1A SIA F . -23.39 16.14 -9.10
O1B SIA F . -23.52 17.06 -11.11
O4 SIA F . -25.44 14.33 -14.05
O6 SIA F . -25.05 14.21 -9.96
O7 SIA F . -24.86 11.23 -9.94
O8 SIA F . -22.75 13.55 -8.12
O9 SIA F . -23.24 11.15 -6.25
O10 SIA F . -24.25 10.58 -12.88
C2 BGC G . -28.26 -16.35 -20.01
C3 BGC G . -26.81 -15.90 -19.97
C4 BGC G . -25.85 -17.00 -20.39
C5 BGC G . -26.31 -17.52 -21.75
C6 BGC G . -25.36 -18.54 -22.35
C1 BGC G . -28.61 -17.21 -21.24
O1 BGC G . -29.72 -17.99 -20.86
O2 BGC G . -29.08 -15.20 -20.01
O3 BGC G . -26.56 -15.45 -18.66
O4 BGC G . -24.53 -16.51 -20.60
O5 BGC G . -27.59 -18.11 -21.62
O6 BGC G . -25.06 -19.53 -21.38
C1 GAL G . -23.58 -16.76 -19.53
C2 GAL G . -22.24 -16.33 -20.17
C3 GAL G . -21.15 -16.02 -19.13
C4 GAL G . -21.67 -15.28 -17.85
C5 GAL G . -22.89 -16.03 -17.34
C6 GAL G . -23.43 -15.43 -16.04
O2 GAL G . -21.86 -17.34 -21.10
O3 GAL G . -20.10 -15.24 -19.70
O4 GAL G . -22.05 -13.96 -18.13
O5 GAL G . -23.86 -16.00 -18.37
O6 GAL G . -24.78 -15.80 -15.85
C1 NGA G . -21.23 -13.00 -17.45
C2 NGA G . -21.01 -11.77 -18.33
C3 NGA G . -20.29 -10.64 -17.60
C4 NGA G . -20.96 -10.31 -16.28
C5 NGA G . -21.13 -11.63 -15.53
C6 NGA G . -21.77 -11.52 -14.16
C7 NGA G . -21.01 -12.19 -20.67
C8 NGA G . -20.27 -12.64 -21.91
N2 NGA G . -20.32 -12.19 -19.53
O3 NGA G . -20.26 -9.45 -18.40
O4 NGA G . -22.20 -9.61 -16.51
O5 NGA G . -21.90 -12.56 -16.29
O6 NGA G . -21.75 -12.87 -13.69
O7 NGA G . -22.18 -11.85 -20.71
C1 GAL G . -18.95 -8.88 -18.49
C2 GAL G . -19.01 -7.69 -19.41
C3 GAL G . -17.61 -7.14 -19.58
C4 GAL G . -17.04 -6.80 -18.20
C5 GAL G . -17.11 -8.04 -17.30
C6 GAL G . -16.63 -7.76 -15.88
O2 GAL G . -19.49 -8.08 -20.65
O3 GAL G . -17.68 -5.98 -20.37
O4 GAL G . -17.77 -5.72 -17.63
O5 GAL G . -18.45 -8.46 -17.22
O6 GAL G . -16.52 -8.98 -15.17
C1 SIA G . -17.89 -14.85 -20.08
C2 SIA G . -18.83 -15.91 -19.53
C3 SIA G . -18.46 -17.31 -20.08
C4 SIA G . -17.10 -17.82 -19.59
C5 SIA G . -16.87 -17.61 -18.09
C6 SIA G . -17.32 -16.20 -17.63
C7 SIA G . -17.32 -16.00 -16.11
C8 SIA G . -17.94 -14.67 -15.61
C9 SIA G . -17.64 -14.46 -14.13
C10 SIA G . -14.94 -18.56 -16.83
C11 SIA G . -13.44 -18.72 -16.87
N5 SIA G . -15.45 -17.90 -17.89
O1A SIA G . -17.60 -13.84 -19.38
O1B SIA G . -17.43 -14.94 -21.23
O4 SIA G . -16.94 -19.21 -19.87
O6 SIA G . -18.65 -15.93 -18.11
O7 SIA G . -18.12 -17.03 -15.53
O8 SIA G . -17.45 -13.55 -16.34
O9 SIA G . -18.65 -13.62 -13.56
O10 SIA G . -15.60 -18.98 -15.89
C2 BGC H . -10.06 -37.05 6.07
C3 BGC H . -9.25 -35.89 5.49
C4 BGC H . -7.82 -35.84 6.03
C5 BGC H . -7.23 -37.22 5.83
C6 BGC H . -5.74 -37.29 6.13
C1 BGC H . -9.29 -38.38 6.11
O1 BGC H . -9.95 -39.30 6.94
O2 BGC H . -11.20 -37.20 5.26
O3 BGC H . -9.93 -34.69 5.77
O4 BGC H . -7.07 -34.89 5.31
O5 BGC H . -7.97 -38.16 6.60
O6 BGC H . -5.52 -37.33 7.53
C1 GAL H . -6.78 -33.69 6.06
C2 GAL H . -5.43 -33.12 5.59
C3 GAL H . -5.20 -31.63 5.91
C4 GAL H . -6.47 -30.80 5.76
C5 GAL H . -7.60 -31.50 6.49
C6 GAL H . -8.89 -30.68 6.46
O2 GAL H . -4.43 -33.94 6.17
O3 GAL H . -4.21 -31.00 5.10
O4 GAL H . -6.80 -30.74 4.39
O5 GAL H . -7.81 -32.75 5.87
O6 GAL H . -9.76 -31.22 7.42
C1 NGA H . -6.61 -29.45 3.78
C2 NGA H . -6.22 -29.63 2.30
C3 NGA H . -6.06 -28.28 1.58
C4 NGA H . -7.23 -27.36 1.89
C5 NGA H . -7.49 -27.32 3.39
C6 NGA H . -8.62 -26.38 3.74
C7 NGA H . -5.00 -31.56 1.39
C8 NGA H . -3.71 -32.34 1.39
N2 NGA H . -5.05 -30.47 2.19
O3 NGA H . -6.03 -28.49 0.16
O4 NGA H . -8.41 -27.82 1.21
O5 NGA H . -7.77 -28.64 3.84
O6 NGA H . -8.89 -26.58 5.13
O7 NGA H . -5.92 -31.91 0.68
C1 GAL H . -4.98 -27.69 -0.42
C2 GAL H . -4.79 -28.03 -1.90
C3 GAL H . -3.63 -27.22 -2.46
C4 GAL H . -3.72 -25.74 -2.09
C5 GAL H . -4.06 -25.52 -0.61
C6 GAL H . -4.32 -24.04 -0.26
O2 GAL H . -4.48 -29.40 -2.04
O3 GAL H . -3.62 -27.31 -3.86
O4 GAL H . -4.68 -25.14 -2.95
O5 GAL H . -5.19 -26.30 -0.25
O6 GAL H . -4.49 -23.93 1.14
C1 SIA H . -1.97 -30.44 4.64
C2 SIA H . -2.95 -30.75 5.77
C3 SIA H . -2.25 -31.45 6.94
C4 SIA H . -1.21 -30.53 7.58
C5 SIA H . -1.76 -29.14 7.95
C6 SIA H . -2.59 -28.53 6.81
C7 SIA H . -3.35 -27.28 7.25
C8 SIA H . -4.45 -26.85 6.28
C9 SIA H . -5.31 -25.72 6.83
C10 SIA H . -0.44 -27.47 9.30
C11 SIA H . 0.91 -26.85 9.38
N5 SIA H . -0.58 -28.34 8.29
O1A SIA H . -2.35 -29.73 3.70
O1B SIA H . -0.81 -30.89 4.63
O4 SIA H . -0.63 -31.17 8.73
O6 SIA H . -3.49 -29.50 6.25
O7 SIA H . -3.96 -27.46 8.53
O8 SIA H . -3.84 -26.45 5.06
O9 SIA H . -5.98 -25.01 5.77
O10 SIA H . -1.32 -27.17 10.10
C2 BGC I . -4.21 -14.18 35.74
C3 BGC I . -3.45 -13.81 34.46
C4 BGC I . -2.58 -12.56 34.69
C5 BGC I . -1.72 -12.74 35.96
C6 BGC I . -0.99 -11.44 36.34
C1 BGC I . -3.23 -14.35 36.89
O1 BGC I . -3.96 -14.64 38.05
O2 BGC I . -4.90 -15.38 35.54
O3 BGC I . -4.39 -13.60 33.43
O4 BGC I . -1.74 -12.37 33.57
O5 BGC I . -2.48 -13.16 37.07
O6 BGC I . -1.90 -10.37 36.42
C1 GAL I . -2.11 -11.17 32.87
C2 GAL I . -0.82 -10.64 32.22
C3 GAL I . -1.08 -9.73 31.00
C4 GAL I . -2.25 -10.18 30.12
C5 GAL I . -3.43 -10.35 31.07
C6 GAL I . -4.73 -10.53 30.27
O2 GAL I . -0.12 -9.95 33.23
O3 GAL I . 0.08 -9.58 30.19
O4 GAL I . -1.97 -11.41 29.48
O5 GAL I . -3.14 -11.43 31.93
O6 GAL I . -5.57 -11.49 30.88
C1 NGA I . -1.75 -11.24 28.06
C2 NGA I . -0.64 -12.21 27.64
C3 NGA I . -0.50 -12.30 26.11
C4 NGA I . -1.83 -12.44 25.40
C5 NGA I . -2.71 -11.29 25.86
C6 NGA I . -4.03 -11.28 25.09
C7 NGA I . 1.24 -12.60 29.17
C8 NGA I . 2.46 -12.03 29.86
N2 NGA I . 0.57 -11.77 28.34
O3 NGA I . 0.30 -13.41 25.68
O4 NGA I . -2.46 -13.69 25.72
O5 NGA I . -2.91 -11.45 27.27
O6 NGA I . -5.09 -11.09 26.05
O7 NGA I . 0.92 -13.75 29.35
C1 GAL I . 1.34 -12.94 24.81
C2 GAL I . 2.34 -14.05 24.60
C3 GAL I . 3.44 -13.65 23.61
C4 GAL I . 2.89 -12.91 22.38
C5 GAL I . 1.85 -11.87 22.76
C6 GAL I . 1.18 -11.27 21.55
O2 GAL I . 2.89 -14.41 25.87
O3 GAL I . 4.17 -14.78 23.17
O4 GAL I . 2.36 -13.85 21.48
O5 GAL I . 0.84 -12.46 23.57
O6 GAL I . 0.37 -10.20 21.99
C1 SIA I . 2.08 -8.42 29.62
C2 SIA I . 0.76 -8.30 30.37
C3 SIA I . 0.93 -7.28 31.49
C4 SIA I . 1.33 -5.94 30.88
C5 SIA I . 0.30 -5.48 29.85
C6 SIA I . 0.04 -6.57 28.79
C7 SIA I . -1.12 -6.25 27.83
C8 SIA I . -1.48 -7.36 26.82
C9 SIA I . -2.26 -6.85 25.61
C10 SIA I . -0.10 -3.27 28.92
C11 SIA I . 0.50 -2.02 28.36
N5 SIA I . 0.76 -4.23 29.27
O1A SIA I . 2.06 -8.63 28.38
O1B SIA I . 3.15 -8.31 30.27
O4 SIA I . 1.53 -4.94 31.90
O6 SIA I . -0.24 -7.83 29.44
O7 SIA I . -2.29 -5.91 28.58
O8 SIA I . -0.31 -8.04 26.30
O9 SIA I . -3.13 -7.88 25.09
O10 SIA I . -1.31 -3.41 29.04
C2 BGC J . -18.96 20.15 27.10
C3 BGC J . -17.89 19.66 26.15
C4 BGC J . -17.07 20.85 25.65
C5 BGC J . -16.71 21.86 26.77
C6 BGC J . -16.35 23.23 26.21
C1 BGC J . -18.25 20.79 28.28
O1 BGC J . -19.15 21.05 29.34
O2 BGC J . -19.80 19.10 27.51
O3 BGC J . -18.45 18.91 25.08
O4 BGC J . -15.83 20.43 25.10
O5 BGC J . -17.69 22.00 27.81
O6 BGC J . -17.40 23.83 25.48
C1 GAL J . -15.87 20.08 23.70
C2 GAL J . -14.50 20.42 23.10
C3 GAL J . -14.29 19.77 21.73
C4 GAL J . -14.74 18.31 21.72
C5 GAL J . -16.17 18.16 22.26
C6 GAL J . -16.60 16.70 22.28
O2 GAL J . -14.34 21.83 23.02
O3 GAL J . -12.91 19.82 21.32
O4 GAL J . -13.87 17.57 22.53
O5 GAL J . -16.21 18.70 23.57
O6 GAL J . -17.94 16.58 22.70
C1 NGA J . -13.05 16.69 21.77
C2 NGA J . -11.69 16.53 22.45
C3 NGA J . -10.89 15.38 21.81
C4 NGA J . -11.73 14.11 21.68
C5 NGA J . -12.97 14.45 20.89
C6 NGA J . -13.85 13.22 20.67
C7 NGA J . -10.78 18.56 23.47
C8 NGA J . -10.10 19.88 23.24
N2 NGA J . -11.03 17.81 22.39
O3 NGA J . -9.73 15.03 22.57
O4 NGA J . -12.09 13.59 22.99
O5 NGA J . -13.72 15.43 21.60
O6 NGA J . -14.98 13.60 19.86
O7 NGA J . -11.07 18.22 24.62
C1 GAL J . -8.50 15.17 21.84
C2 GAL J . -7.33 15.23 22.83
C3 GAL J . -5.98 15.21 22.08
C4 GAL J . -5.96 14.16 20.96
C5 GAL J . -7.20 14.27 20.10
C6 GAL J . -7.26 13.27 18.96
O2 GAL J . -7.50 16.37 23.66
O3 GAL J . -4.93 14.89 22.97
O4 GAL J . -5.92 12.88 21.55
O5 GAL J . -8.34 14.10 20.93
O6 GAL J . -8.51 13.40 18.30
C1 SIA J . -11.18 20.57 19.91
C2 SIA J . -12.70 20.59 20.11
C3 SIA J . -13.31 21.95 19.72
C4 SIA J . -13.06 22.26 18.25
C5 SIA J . -13.45 21.10 17.32
C6 SIA J . -12.89 19.75 17.81
C7 SIA J . -13.38 18.49 17.05
C8 SIA J . -12.92 17.17 17.68
C9 SIA J . -13.21 15.95 16.82
C10 SIA J . -13.55 20.99 14.82
C11 SIA J . -12.89 21.49 13.57
N5 SIA J . -12.99 21.42 15.97
O1A SIA J . -10.61 19.45 19.84
O1B SIA J . -10.53 21.63 19.81
O4 SIA J . -13.77 23.45 17.89
O6 SIA J . -13.22 19.58 19.21
O7 SIA J . -14.81 18.48 16.95
O8 SIA J . -11.51 17.18 17.94
O9 SIA J . -13.77 14.91 17.62
O10 SIA J . -14.52 20.24 14.74
#